data_5W45
#
_entry.id   5W45
#
_cell.length_a   46.749
_cell.length_b   65.006
_cell.length_c   65.540
_cell.angle_alpha   90.000
_cell.angle_beta   90.080
_cell.angle_gamma   90.000
#
_symmetry.space_group_name_H-M   'P 1 21 1'
#
loop_
_entity.id
_entity.type
_entity.pdbx_description
1 polymer APOBEC3H
2 non-polymer 'ZINC ION'
3 water water
#
_entity_poly.entity_id   1
_entity_poly.type   'polypeptide(L)'
_entity_poly.pdbx_seq_one_letter_code
;ALLTAETFRLQFNNKRRLRRPYYPRKALLCYQLTPQNGSTPTRGYFENKKKCHAAICFINEIKSMGLDETQCYQVTCYLT
WSPCSSCASELVDFIKAHDHLNLRIFASRLYYHASKPQQDGLRLLSQEGVPVEVMGFPEFADCWENFVDHEKPASFNPYK
MLEELDKNSRAIKRRLDRIKS
;
_entity_poly.pdbx_strand_id   A,B
#
# COMPACT_ATOMS: atom_id res chain seq x y z
N ALA A 1 -5.93 25.34 -5.96
CA ALA A 1 -6.72 25.01 -7.14
C ALA A 1 -7.31 23.61 -7.03
N LEU A 2 -8.63 23.52 -7.16
CA LEU A 2 -9.37 22.27 -7.00
C LEU A 2 -10.16 21.95 -8.26
N LEU A 3 -10.40 20.66 -8.47
CA LEU A 3 -11.20 20.19 -9.58
C LEU A 3 -12.69 20.33 -9.27
N THR A 4 -13.49 20.31 -10.33
CA THR A 4 -14.93 20.24 -10.19
C THR A 4 -15.38 18.79 -10.19
N ALA A 5 -16.61 18.56 -9.71
CA ALA A 5 -17.14 17.21 -9.68
C ALA A 5 -17.28 16.63 -11.07
N GLU A 6 -17.71 17.45 -12.03
CA GLU A 6 -17.93 16.96 -13.39
C GLU A 6 -16.60 16.66 -14.08
N THR A 7 -15.59 17.49 -13.85
CA THR A 7 -14.27 17.22 -14.42
C THR A 7 -13.69 15.94 -13.84
N PHE A 8 -13.81 15.76 -12.53
CA PHE A 8 -13.36 14.51 -11.90
C PHE A 8 -14.07 13.31 -12.54
N ARG A 9 -15.40 13.37 -12.64
CA ARG A 9 -16.15 12.24 -13.18
C ARG A 9 -15.75 11.95 -14.62
N LEU A 10 -15.60 12.98 -15.45
CA LEU A 10 -15.22 12.77 -16.85
C LEU A 10 -13.82 12.19 -16.97
N GLN A 11 -12.87 12.72 -16.19
CA GLN A 11 -11.47 12.31 -16.34
C GLN A 11 -11.23 10.91 -15.78
N PHE A 12 -11.65 10.67 -14.55
CA PHE A 12 -11.34 9.40 -13.89
C PHE A 12 -12.31 8.28 -14.22
N ASN A 13 -13.27 8.50 -15.14
CA ASN A 13 -14.21 7.45 -15.49
C ASN A 13 -13.47 6.27 -16.12
N ASN A 14 -13.48 5.12 -15.45
CA ASN A 14 -12.73 3.95 -15.90
C ASN A 14 -13.57 2.95 -16.66
N LYS A 15 -14.85 3.22 -16.88
CA LYS A 15 -15.65 2.34 -17.72
C LYS A 15 -15.11 2.41 -19.14
N ARG A 16 -14.63 1.26 -19.64
CA ARG A 16 -13.85 1.21 -20.87
C ARG A 16 -14.52 1.98 -22.01
N ARG A 17 -13.89 3.07 -22.44
CA ARG A 17 -14.46 3.95 -23.43
C ARG A 17 -14.53 3.25 -24.79
N LEU A 18 -15.62 3.51 -25.52
CA LEU A 18 -15.85 2.88 -26.81
C LEU A 18 -15.28 3.72 -27.95
N ARG A 19 -15.53 5.02 -27.94
CA ARG A 19 -15.04 5.92 -28.97
C ARG A 19 -13.60 6.31 -28.67
N ARG A 20 -12.71 6.05 -29.62
CA ARG A 20 -11.28 6.27 -29.44
C ARG A 20 -11.01 7.71 -29.01
N PRO A 21 -10.04 7.94 -28.13
CA PRO A 21 -9.66 9.32 -27.79
C PRO A 21 -8.85 9.96 -28.91
N TYR A 22 -9.17 11.22 -29.19
CA TYR A 22 -8.49 11.97 -30.24
C TYR A 22 -7.31 12.75 -29.68
N TYR A 23 -6.36 13.05 -30.55
CA TYR A 23 -5.13 13.71 -30.13
C TYR A 23 -5.42 15.13 -29.68
N PRO A 24 -4.76 15.62 -28.61
CA PRO A 24 -3.76 14.91 -27.79
C PRO A 24 -4.38 13.99 -26.73
N ARG A 25 -3.59 13.02 -26.25
CA ARG A 25 -4.02 12.13 -25.18
C ARG A 25 -4.14 12.92 -23.88
N LYS A 26 -5.37 13.29 -23.54
CA LYS A 26 -5.63 14.09 -22.35
C LYS A 26 -5.46 13.23 -21.10
N ALA A 27 -4.53 13.60 -20.23
CA ALA A 27 -4.20 12.83 -19.04
C ALA A 27 -4.10 13.73 -17.83
N LEU A 28 -4.82 13.38 -16.77
CA LEU A 28 -4.81 14.10 -15.50
C LEU A 28 -3.95 13.36 -14.48
N LEU A 29 -3.28 14.14 -13.62
CA LEU A 29 -2.46 13.57 -12.55
C LEU A 29 -2.66 14.39 -11.30
N CYS A 30 -3.18 13.77 -10.24
CA CYS A 30 -3.31 14.39 -8.94
C CYS A 30 -2.24 13.82 -8.01
N TYR A 31 -1.51 14.69 -7.32
CA TYR A 31 -0.44 14.23 -6.44
C TYR A 31 -0.59 14.83 -5.05
N GLN A 32 -0.11 14.06 -4.07
CA GLN A 32 -0.13 14.46 -2.66
C GLN A 32 1.22 14.10 -2.07
N LEU A 33 2.04 15.12 -1.80
CA LEU A 33 3.25 15.01 -1.00
C LEU A 33 2.90 15.14 0.48
N THR A 34 3.16 14.08 1.23
CA THR A 34 2.93 14.05 2.68
C THR A 34 4.26 14.03 3.40
N PRO A 35 4.63 15.10 4.09
CA PRO A 35 5.84 15.07 4.93
C PRO A 35 5.67 14.09 6.07
N GLN A 36 6.70 13.26 6.27
CA GLN A 36 6.60 12.17 7.24
C GLN A 36 6.73 12.66 8.68
N ASN A 37 7.31 13.84 8.91
CA ASN A 37 7.36 14.40 10.26
C ASN A 37 6.01 14.93 10.72
N GLY A 38 5.07 15.16 9.81
CA GLY A 38 3.73 15.59 10.17
C GLY A 38 3.34 16.97 9.67
N SER A 39 4.23 17.71 9.01
CA SER A 39 3.89 19.05 8.54
C SER A 39 2.93 18.97 7.35
N THR A 40 2.37 20.13 7.00
CA THR A 40 1.27 20.27 6.07
C THR A 40 1.55 19.54 4.74
N PRO A 41 0.70 18.62 4.33
CA PRO A 41 0.86 17.99 3.01
C PRO A 41 0.56 18.97 1.88
N THR A 42 1.34 18.87 0.81
CA THR A 42 1.13 19.66 -0.40
C THR A 42 0.38 18.82 -1.44
N ARG A 43 -0.65 19.41 -2.05
CA ARG A 43 -1.45 18.73 -3.06
C ARG A 43 -1.48 19.53 -4.34
N GLY A 44 -1.66 18.83 -5.45
CA GLY A 44 -1.78 19.53 -6.72
C GLY A 44 -2.19 18.59 -7.83
N TYR A 45 -2.35 19.16 -9.03
CA TYR A 45 -2.68 18.34 -10.19
C TYR A 45 -2.14 19.00 -11.45
N PHE A 46 -1.89 18.17 -12.46
CA PHE A 46 -1.34 18.59 -13.74
C PHE A 46 -2.02 17.83 -14.88
N GLU A 47 -2.32 18.54 -15.97
CA GLU A 47 -2.84 17.93 -17.18
C GLU A 47 -1.75 17.81 -18.25
N ASN A 48 -2.10 17.10 -19.32
CA ASN A 48 -1.22 16.99 -20.48
C ASN A 48 -1.14 18.33 -21.19
N LYS A 49 0.06 18.90 -21.23
CA LYS A 49 0.33 20.12 -21.98
C LYS A 49 1.29 19.80 -23.12
N LYS A 50 1.25 20.64 -24.17
CA LYS A 50 2.25 20.53 -25.21
C LYS A 50 3.64 20.86 -24.68
N LYS A 51 3.71 21.61 -23.59
CA LYS A 51 4.99 21.80 -22.89
C LYS A 51 5.47 20.49 -22.26
N CYS A 52 4.64 19.84 -21.45
CA CYS A 52 5.04 18.64 -20.74
C CYS A 52 3.84 17.74 -20.53
N HIS A 53 4.12 16.43 -20.49
CA HIS A 53 3.12 15.47 -20.03
C HIS A 53 2.94 15.59 -18.51
N ALA A 54 1.79 15.13 -18.03
CA ALA A 54 1.44 15.31 -16.62
C ALA A 54 2.54 14.79 -15.70
N ALA A 55 3.10 13.62 -16.02
CA ALA A 55 4.16 13.06 -15.19
C ALA A 55 5.40 13.94 -15.20
N ILE A 56 5.74 14.51 -16.37
CA ILE A 56 6.93 15.34 -16.46
C ILE A 56 6.73 16.64 -15.72
N CYS A 57 5.55 17.25 -15.83
CA CYS A 57 5.27 18.46 -15.08
C CYS A 57 5.28 18.18 -13.58
N PHE A 58 4.82 17.00 -13.16
CA PHE A 58 4.88 16.62 -11.75
C PHE A 58 6.33 16.49 -11.27
N ILE A 59 7.16 15.81 -12.06
CA ILE A 59 8.57 15.67 -11.71
C ILE A 59 9.23 17.04 -11.58
N ASN A 60 8.96 17.93 -12.53
CA ASN A 60 9.55 19.26 -12.47
C ASN A 60 9.03 20.06 -11.28
N GLU A 61 7.76 19.86 -10.91
CA GLU A 61 7.22 20.54 -9.74
C GLU A 61 7.93 20.10 -8.47
N ILE A 62 8.13 18.79 -8.32
CA ILE A 62 8.82 18.28 -7.14
C ILE A 62 10.25 18.78 -7.11
N LYS A 63 10.92 18.79 -8.27
CA LYS A 63 12.28 19.32 -8.33
C LYS A 63 12.33 20.79 -7.94
N SER A 64 11.37 21.59 -8.40
CA SER A 64 11.38 23.02 -8.14
C SER A 64 10.96 23.36 -6.71
N MET A 65 10.25 22.46 -6.03
CA MET A 65 9.90 22.74 -4.64
C MET A 65 11.12 22.94 -3.76
N GLY A 66 12.20 22.20 -4.02
CA GLY A 66 13.40 22.31 -3.22
C GLY A 66 13.21 21.72 -1.85
N LEU A 67 12.89 20.44 -1.79
CA LEU A 67 12.48 19.81 -0.55
C LEU A 67 13.64 19.72 0.45
N ASP A 68 13.31 19.85 1.72
CA ASP A 68 14.25 19.64 2.82
C ASP A 68 14.60 18.16 2.84
N GLU A 69 15.77 17.81 2.31
CA GLU A 69 16.16 16.42 2.13
C GLU A 69 16.67 15.77 3.41
N THR A 70 16.59 16.45 4.56
CA THR A 70 16.77 15.77 5.83
C THR A 70 15.50 15.09 6.30
N GLN A 71 14.37 15.33 5.64
CA GLN A 71 13.10 14.70 5.96
C GLN A 71 12.83 13.54 5.00
N CYS A 72 11.83 12.74 5.36
CA CYS A 72 11.30 11.70 4.50
C CYS A 72 9.89 12.08 4.06
N TYR A 73 9.49 11.62 2.87
CA TYR A 73 8.21 12.01 2.31
C TYR A 73 7.51 10.80 1.70
N GLN A 74 6.18 10.84 1.72
CA GLN A 74 5.34 9.88 1.03
C GLN A 74 4.61 10.62 -0.08
N VAL A 75 4.77 10.17 -1.32
CA VAL A 75 4.12 10.81 -2.46
C VAL A 75 3.14 9.82 -3.06
N THR A 76 1.91 10.27 -3.27
CA THR A 76 0.88 9.45 -3.90
C THR A 76 0.38 10.15 -5.15
N CYS A 77 0.36 9.43 -6.28
CA CYS A 77 -0.06 9.97 -7.57
C CYS A 77 -1.22 9.16 -8.11
N TYR A 78 -2.36 9.83 -8.32
CA TYR A 78 -3.53 9.24 -8.98
C TYR A 78 -3.56 9.77 -10.42
N LEU A 79 -3.32 8.88 -11.38
CA LEU A 79 -3.37 9.22 -12.80
C LEU A 79 -4.65 8.68 -13.42
N THR A 80 -5.08 9.33 -14.50
CA THR A 80 -6.22 8.81 -15.26
C THR A 80 -5.78 7.74 -16.25
N TRP A 81 -4.72 8.02 -17.02
CA TRP A 81 -4.06 7.05 -17.86
C TRP A 81 -2.70 6.68 -17.26
N SER A 82 -2.32 5.42 -17.42
CA SER A 82 -1.01 4.99 -16.96
C SER A 82 0.07 5.62 -17.84
N PRO A 83 1.26 5.84 -17.29
CA PRO A 83 2.28 6.61 -18.03
C PRO A 83 2.76 5.87 -19.27
N CYS A 84 3.18 6.66 -20.26
CA CYS A 84 3.77 6.13 -21.48
C CYS A 84 5.21 5.71 -21.21
N SER A 85 5.87 5.19 -22.27
CA SER A 85 7.24 4.69 -22.11
C SER A 85 8.20 5.78 -21.67
N SER A 86 8.12 6.96 -22.30
CA SER A 86 9.05 8.03 -21.97
C SER A 86 8.81 8.56 -20.56
N CYS A 87 7.55 8.79 -20.21
CA CYS A 87 7.24 9.20 -18.84
C CYS A 87 7.62 8.11 -17.84
N ALA A 88 7.50 6.85 -18.22
CA ALA A 88 7.91 5.77 -17.31
C ALA A 88 9.42 5.81 -17.07
N SER A 89 10.21 6.05 -18.12
CA SER A 89 11.65 6.12 -17.93
C SER A 89 12.05 7.34 -17.10
N GLU A 90 11.39 8.47 -17.35
CA GLU A 90 11.67 9.67 -16.56
C GLU A 90 11.28 9.47 -15.09
N LEU A 91 10.17 8.77 -14.85
CA LEU A 91 9.76 8.48 -13.48
C LEU A 91 10.75 7.53 -12.81
N VAL A 92 11.28 6.55 -13.56
CA VAL A 92 12.28 5.65 -12.97
C VAL A 92 13.52 6.43 -12.57
N ASP A 93 13.97 7.34 -13.42
CA ASP A 93 15.13 8.16 -13.06
C ASP A 93 14.84 9.06 -11.87
N PHE A 94 13.62 9.59 -11.79
CA PHE A 94 13.23 10.43 -10.67
C PHE A 94 13.17 9.63 -9.37
N ILE A 95 12.68 8.39 -9.43
CA ILE A 95 12.64 7.52 -8.26
C ILE A 95 14.05 7.21 -7.78
N LYS A 96 14.94 6.88 -8.71
CA LYS A 96 16.31 6.56 -8.32
C LYS A 96 17.03 7.77 -7.73
N ALA A 97 16.75 8.97 -8.24
CA ALA A 97 17.42 10.17 -7.74
C ALA A 97 17.01 10.50 -6.30
N HIS A 98 15.76 10.25 -5.93
CA HIS A 98 15.22 10.69 -4.64
C HIS A 98 14.99 9.49 -3.73
N ASP A 99 16.00 9.16 -2.92
CA ASP A 99 15.88 8.07 -1.96
C ASP A 99 15.19 8.50 -0.66
N HIS A 100 14.90 9.78 -0.49
CA HIS A 100 14.13 10.27 0.65
C HIS A 100 12.66 10.46 0.32
N LEU A 101 12.18 9.84 -0.76
CA LEU A 101 10.86 10.10 -1.30
C LEU A 101 10.25 8.77 -1.73
N ASN A 102 9.28 8.27 -0.97
CA ASN A 102 8.62 7.01 -1.28
C ASN A 102 7.43 7.27 -2.19
N LEU A 103 7.49 6.80 -3.43
CA LEU A 103 6.49 7.08 -4.45
C LEU A 103 5.51 5.91 -4.60
N ARG A 104 4.22 6.24 -4.70
CA ARG A 104 3.17 5.28 -5.01
C ARG A 104 2.37 5.81 -6.20
N ILE A 105 2.22 4.98 -7.23
CA ILE A 105 1.51 5.36 -8.45
C ILE A 105 0.27 4.48 -8.58
N PHE A 106 -0.88 5.14 -8.75
CA PHE A 106 -2.15 4.51 -9.07
C PHE A 106 -2.64 5.07 -10.39
N ALA A 107 -3.32 4.23 -11.18
CA ALA A 107 -3.88 4.65 -12.45
C ALA A 107 -5.33 4.20 -12.57
N SER A 108 -6.18 5.09 -13.08
CA SER A 108 -7.58 4.73 -13.31
C SER A 108 -7.71 3.75 -14.47
N ARG A 109 -7.11 4.09 -15.61
CA ARG A 109 -7.10 3.24 -16.79
C ARG A 109 -5.66 3.01 -17.22
N LEU A 110 -5.42 1.87 -17.87
CA LEU A 110 -4.08 1.55 -18.35
C LEU A 110 -3.85 2.11 -19.76
N TYR A 111 -4.66 1.66 -20.72
CA TYR A 111 -4.55 2.07 -22.11
C TYR A 111 -5.71 1.46 -22.88
N TYR A 112 -5.99 2.03 -24.05
CA TYR A 112 -7.10 1.55 -24.86
C TYR A 112 -6.71 0.26 -25.58
N HIS A 113 -5.48 0.19 -26.10
CA HIS A 113 -4.95 -1.03 -26.69
C HIS A 113 -3.53 -1.26 -26.17
N ALA A 114 -3.17 -2.52 -26.01
CA ALA A 114 -1.88 -2.89 -25.44
C ALA A 114 -0.75 -2.58 -26.42
N SER A 115 0.41 -2.23 -25.88
CA SER A 115 1.56 -1.89 -26.69
C SER A 115 2.83 -2.35 -25.99
N LYS A 116 3.83 -2.74 -26.79
CA LYS A 116 5.09 -3.20 -26.22
C LYS A 116 5.83 -2.09 -25.47
N PRO A 117 5.97 -0.87 -26.00
CA PRO A 117 6.69 0.17 -25.23
C PRO A 117 6.02 0.51 -23.90
N GLN A 118 4.70 0.62 -23.86
CA GLN A 118 4.03 1.00 -22.62
C GLN A 118 4.06 -0.14 -21.60
N GLN A 119 3.87 -1.37 -22.05
CA GLN A 119 3.98 -2.51 -21.15
C GLN A 119 5.39 -2.63 -20.58
N ASP A 120 6.41 -2.41 -21.41
CA ASP A 120 7.78 -2.46 -20.91
C ASP A 120 8.09 -1.31 -19.97
N GLY A 121 7.52 -0.12 -20.21
CA GLY A 121 7.67 0.97 -19.25
C GLY A 121 7.04 0.64 -17.92
N LEU A 122 5.85 0.06 -17.94
CA LEU A 122 5.20 -0.34 -16.68
C LEU A 122 6.00 -1.43 -15.98
N ARG A 123 6.60 -2.35 -16.74
CA ARG A 123 7.43 -3.37 -16.13
C ARG A 123 8.71 -2.77 -15.52
N LEU A 124 9.26 -1.74 -16.15
CA LEU A 124 10.43 -1.07 -15.60
C LEU A 124 10.08 -0.37 -14.29
N LEU A 125 8.95 0.35 -14.27
CA LEU A 125 8.50 0.98 -13.04
C LEU A 125 8.23 -0.06 -11.95
N SER A 126 7.69 -1.22 -12.33
CA SER A 126 7.43 -2.27 -11.35
C SER A 126 8.74 -2.82 -10.78
N GLN A 127 9.74 -3.04 -11.64
CA GLN A 127 11.02 -3.55 -11.16
C GLN A 127 11.76 -2.54 -10.30
N GLU A 128 11.54 -1.24 -10.53
CA GLU A 128 12.20 -0.24 -9.70
C GLU A 128 11.63 -0.17 -8.29
N GLY A 129 10.45 -0.76 -8.06
CA GLY A 129 9.82 -0.76 -6.75
C GLY A 129 8.57 0.09 -6.65
N VAL A 130 8.15 0.71 -7.75
CA VAL A 130 6.93 1.52 -7.77
C VAL A 130 6.04 1.00 -8.88
N PRO A 131 5.34 -0.12 -8.68
CA PRO A 131 4.44 -0.63 -9.72
C PRO A 131 3.20 0.23 -9.85
N VAL A 132 2.75 0.40 -11.10
CA VAL A 132 1.57 1.21 -11.40
C VAL A 132 0.35 0.36 -11.06
N GLU A 133 -0.20 0.56 -9.87
CA GLU A 133 -1.40 -0.15 -9.44
C GLU A 133 -2.65 0.49 -10.03
N VAL A 134 -3.73 -0.28 -10.07
CA VAL A 134 -5.02 0.19 -10.57
C VAL A 134 -5.81 0.79 -9.42
N MET A 135 -6.46 1.92 -9.69
CA MET A 135 -7.26 2.60 -8.67
C MET A 135 -8.50 1.79 -8.32
N GLY A 136 -8.69 1.52 -7.03
CA GLY A 136 -9.91 0.95 -6.52
C GLY A 136 -10.75 1.97 -5.77
N PHE A 137 -11.75 1.45 -5.07
CA PHE A 137 -12.61 2.34 -4.28
C PHE A 137 -11.84 3.20 -3.29
N PRO A 138 -10.86 2.70 -2.53
CA PRO A 138 -10.15 3.61 -1.61
C PRO A 138 -9.41 4.73 -2.33
N GLU A 139 -8.82 4.44 -3.50
CA GLU A 139 -8.07 5.46 -4.19
C GLU A 139 -8.99 6.49 -4.86
N PHE A 140 -10.07 6.01 -5.49
CA PHE A 140 -11.06 6.93 -6.04
C PHE A 140 -11.67 7.80 -4.95
N ALA A 141 -11.96 7.20 -3.78
CA ALA A 141 -12.56 7.95 -2.69
C ALA A 141 -11.60 8.99 -2.14
N ASP A 142 -10.32 8.64 -1.98
CA ASP A 142 -9.34 9.60 -1.48
C ASP A 142 -9.13 10.75 -2.46
N CYS A 143 -9.05 10.43 -3.76
CA CYS A 143 -8.88 11.47 -4.77
C CYS A 143 -10.10 12.37 -4.86
N TRP A 144 -11.29 11.79 -4.74
CA TRP A 144 -12.51 12.58 -4.70
C TRP A 144 -12.54 13.49 -3.48
N GLU A 145 -12.14 12.96 -2.32
CA GLU A 145 -12.21 13.71 -1.07
C GLU A 145 -11.27 14.92 -1.10
N ASN A 146 -10.04 14.71 -1.56
CA ASN A 146 -9.01 15.73 -1.36
C ASN A 146 -8.82 16.68 -2.53
N PHE A 147 -9.24 16.33 -3.74
CA PHE A 147 -8.96 17.15 -4.90
C PHE A 147 -10.17 17.83 -5.53
N VAL A 148 -11.39 17.44 -5.16
CA VAL A 148 -12.60 18.04 -5.75
C VAL A 148 -13.12 19.12 -4.82
N ASP A 149 -13.73 20.14 -5.42
CA ASP A 149 -14.36 21.22 -4.67
C ASP A 149 -15.72 20.75 -4.15
N HIS A 150 -15.92 20.82 -2.83
CA HIS A 150 -17.16 20.37 -2.20
C HIS A 150 -17.95 21.51 -1.57
N GLU A 151 -17.51 22.76 -1.75
CA GLU A 151 -18.31 23.88 -1.26
C GLU A 151 -19.65 23.95 -1.96
N LYS A 152 -19.67 23.75 -3.28
CA LYS A 152 -20.88 23.72 -4.08
C LYS A 152 -21.30 22.28 -4.36
N PRO A 153 -22.61 22.01 -4.30
CA PRO A 153 -23.09 20.64 -4.52
C PRO A 153 -22.72 20.10 -5.89
N ALA A 154 -22.67 18.78 -5.98
CA ALA A 154 -22.44 18.10 -7.24
C ALA A 154 -23.76 17.93 -8.00
N SER A 155 -23.66 17.89 -9.32
CA SER A 155 -24.83 17.68 -10.18
C SER A 155 -25.23 16.22 -10.28
N PHE A 156 -24.47 15.31 -9.68
CA PHE A 156 -24.74 13.88 -9.71
C PHE A 156 -24.65 13.31 -8.31
N ASN A 157 -25.00 12.03 -8.18
CA ASN A 157 -24.87 11.32 -6.90
C ASN A 157 -23.46 10.76 -6.80
N PRO A 158 -22.61 11.25 -5.89
CA PRO A 158 -21.22 10.77 -5.83
C PRO A 158 -21.09 9.30 -5.47
N TYR A 159 -22.00 8.76 -4.64
CA TYR A 159 -21.87 7.37 -4.22
C TYR A 159 -22.06 6.42 -5.38
N LYS A 160 -23.01 6.71 -6.27
CA LYS A 160 -23.20 5.87 -7.44
C LYS A 160 -21.98 5.92 -8.35
N MET A 161 -21.33 7.08 -8.45
CA MET A 161 -20.12 7.21 -9.24
C MET A 161 -19.00 6.36 -8.65
N LEU A 162 -18.78 6.46 -7.34
CA LEU A 162 -17.73 5.66 -6.71
C LEU A 162 -18.01 4.17 -6.84
N GLU A 163 -19.29 3.78 -6.75
CA GLU A 163 -19.66 2.38 -6.96
C GLU A 163 -19.35 1.94 -8.38
N GLU A 164 -19.67 2.77 -9.37
CA GLU A 164 -19.40 2.42 -10.76
C GLU A 164 -17.90 2.29 -11.02
N LEU A 165 -17.11 3.22 -10.46
CA LEU A 165 -15.67 3.16 -10.64
C LEU A 165 -15.07 1.92 -10.01
N ASP A 166 -15.52 1.58 -8.79
CA ASP A 166 -15.04 0.37 -8.13
C ASP A 166 -15.43 -0.87 -8.91
N LYS A 167 -16.65 -0.89 -9.46
CA LYS A 167 -17.10 -2.03 -10.26
C LYS A 167 -16.23 -2.20 -11.50
N ASN A 168 -15.96 -1.10 -12.20
CA ASN A 168 -15.18 -1.20 -13.43
C ASN A 168 -13.71 -1.53 -13.17
N SER A 169 -13.18 -1.16 -12.00
CA SER A 169 -11.77 -1.42 -11.71
C SER A 169 -11.45 -2.90 -11.53
N ARG A 170 -12.46 -3.73 -11.20
CA ARG A 170 -12.21 -5.13 -10.89
C ARG A 170 -11.64 -5.89 -12.08
N ALA A 171 -12.15 -5.63 -13.29
CA ALA A 171 -11.62 -6.29 -14.48
C ALA A 171 -10.28 -5.71 -14.91
N ILE A 172 -10.11 -4.39 -14.74
CA ILE A 172 -8.85 -3.76 -15.15
C ILE A 172 -7.71 -4.26 -14.27
N LYS A 173 -8.01 -4.62 -13.01
CA LYS A 173 -6.98 -5.22 -12.16
C LYS A 173 -6.53 -6.56 -12.71
N ARG A 174 -7.46 -7.36 -13.24
CA ARG A 174 -7.08 -8.63 -13.86
C ARG A 174 -6.27 -8.40 -15.13
N ARG A 175 -6.62 -7.36 -15.89
CA ARG A 175 -5.83 -7.04 -17.08
C ARG A 175 -4.41 -6.65 -16.71
N LEU A 176 -4.26 -5.91 -15.60
CA LEU A 176 -2.91 -5.54 -15.16
C LEU A 176 -2.15 -6.75 -14.64
N ASP A 177 -2.80 -7.60 -13.84
CA ASP A 177 -2.11 -8.74 -13.24
C ASP A 177 -1.70 -9.78 -14.27
N ARG A 178 -2.43 -9.89 -15.39
CA ARG A 178 -2.03 -10.84 -16.43
C ARG A 178 -0.65 -10.53 -16.99
N ILE A 179 -0.24 -9.26 -16.96
CA ILE A 179 1.04 -8.84 -17.52
C ILE A 179 2.16 -8.95 -16.49
N LYS A 180 1.92 -8.45 -15.28
CA LYS A 180 2.97 -8.34 -14.27
C LYS A 180 3.61 -9.68 -13.96
N SER A 181 4.94 -9.74 -14.10
CA SER A 181 5.71 -10.93 -13.77
C SER A 181 7.19 -10.59 -13.62
N ALA B 1 17.86 -16.79 10.47
CA ALA B 1 16.87 -17.73 10.99
C ALA B 1 15.59 -17.69 10.16
N LEU B 2 15.19 -18.84 9.64
CA LEU B 2 14.04 -18.95 8.76
C LEU B 2 13.02 -19.92 9.32
N LEU B 3 11.75 -19.70 8.95
CA LEU B 3 10.67 -20.59 9.36
C LEU B 3 10.62 -21.83 8.48
N THR B 4 9.95 -22.86 8.97
CA THR B 4 9.65 -24.03 8.17
C THR B 4 8.30 -23.84 7.48
N ALA B 5 8.06 -24.66 6.46
CA ALA B 5 6.80 -24.59 5.74
C ALA B 5 5.62 -24.95 6.64
N GLU B 6 5.81 -25.94 7.51
CA GLU B 6 4.72 -26.39 8.37
C GLU B 6 4.41 -25.36 9.45
N THR B 7 5.45 -24.73 9.99
CA THR B 7 5.24 -23.66 10.97
C THR B 7 4.51 -22.49 10.34
N PHE B 8 4.93 -22.08 9.14
CA PHE B 8 4.23 -21.02 8.42
C PHE B 8 2.76 -21.37 8.22
N ARG B 9 2.48 -22.59 7.73
CA ARG B 9 1.10 -22.97 7.45
C ARG B 9 0.27 -22.99 8.73
N LEU B 10 0.82 -23.54 9.82
CA LEU B 10 0.07 -23.59 11.08
C LEU B 10 -0.18 -22.20 11.65
N GLN B 11 0.83 -21.32 11.60
CA GLN B 11 0.70 -20.02 12.25
C GLN B 11 -0.21 -19.09 11.44
N PHE B 12 0.06 -18.95 10.14
CA PHE B 12 -0.66 -17.98 9.32
C PHE B 12 -2.00 -18.49 8.80
N ASN B 13 -2.43 -19.69 9.18
CA ASN B 13 -3.70 -20.22 8.72
C ASN B 13 -4.85 -19.34 9.20
N ASN B 14 -5.52 -18.68 8.26
CA ASN B 14 -6.59 -17.73 8.58
C ASN B 14 -7.98 -18.34 8.49
N LYS B 15 -8.09 -19.62 8.18
CA LYS B 15 -9.40 -20.28 8.19
C LYS B 15 -9.94 -20.29 9.60
N ARG B 16 -11.11 -19.68 9.79
CA ARG B 16 -11.68 -19.41 11.11
C ARG B 16 -11.61 -20.62 12.02
N ARG B 17 -10.76 -20.55 13.05
CA ARG B 17 -10.54 -21.68 13.93
C ARG B 17 -11.76 -21.93 14.80
N LEU B 18 -12.07 -23.21 15.02
CA LEU B 18 -13.23 -23.60 15.80
C LEU B 18 -12.90 -23.79 17.28
N ARG B 19 -11.81 -24.49 17.57
CA ARG B 19 -11.39 -24.75 18.95
C ARG B 19 -10.60 -23.56 19.48
N ARG B 20 -11.09 -22.99 20.59
CA ARG B 20 -10.49 -21.79 21.17
C ARG B 20 -9.00 -21.98 21.41
N PRO B 21 -8.18 -20.94 21.21
CA PRO B 21 -6.76 -21.03 21.56
C PRO B 21 -6.55 -20.96 23.07
N TYR B 22 -5.67 -21.81 23.57
CA TYR B 22 -5.36 -21.86 24.99
C TYR B 22 -4.17 -20.96 25.32
N TYR B 23 -4.10 -20.55 26.57
CA TYR B 23 -3.08 -19.61 27.01
C TYR B 23 -1.70 -20.27 26.96
N PRO B 24 -0.65 -19.52 26.53
CA PRO B 24 -0.70 -18.13 26.09
C PRO B 24 -1.13 -17.95 24.63
N ARG B 25 -1.58 -16.74 24.30
CA ARG B 25 -1.96 -16.41 22.92
C ARG B 25 -0.71 -16.39 22.05
N LYS B 26 -0.49 -17.48 21.31
CA LYS B 26 0.70 -17.60 20.46
C LYS B 26 0.55 -16.72 19.23
N ALA B 27 1.47 -15.78 19.07
CA ALA B 27 1.40 -14.80 17.99
C ALA B 27 2.78 -14.66 17.33
N LEU B 28 2.80 -14.82 16.01
CA LEU B 28 4.00 -14.68 15.21
C LEU B 28 4.03 -13.31 14.51
N LEU B 29 5.22 -12.75 14.37
CA LEU B 29 5.40 -11.48 13.68
C LEU B 29 6.66 -11.55 12.82
N CYS B 30 6.50 -11.41 11.50
CA CYS B 30 7.62 -11.34 10.58
C CYS B 30 7.77 -9.89 10.12
N TYR B 31 8.98 -9.37 10.16
CA TYR B 31 9.22 -7.98 9.79
C TYR B 31 10.34 -7.87 8.77
N GLN B 32 10.23 -6.85 7.93
CA GLN B 32 11.21 -6.54 6.89
C GLN B 32 11.46 -5.04 6.91
N LEU B 33 12.64 -4.65 7.41
CA LEU B 33 13.16 -3.30 7.27
C LEU B 33 13.88 -3.16 5.93
N THR B 34 13.38 -2.28 5.07
CA THR B 34 13.95 -2.01 3.77
C THR B 34 14.55 -0.61 3.78
N PRO B 35 15.87 -0.48 3.72
CA PRO B 35 16.48 0.86 3.57
C PRO B 35 16.11 1.46 2.23
N GLN B 36 15.70 2.73 2.27
CA GLN B 36 15.21 3.40 1.08
C GLN B 36 16.32 3.80 0.11
N ASN B 37 17.56 3.91 0.60
CA ASN B 37 18.68 4.18 -0.29
C ASN B 37 19.08 2.98 -1.13
N GLY B 38 18.67 1.77 -0.74
CA GLY B 38 18.94 0.58 -1.52
C GLY B 38 19.80 -0.46 -0.84
N SER B 39 20.33 -0.20 0.36
CA SER B 39 21.19 -1.17 1.03
C SER B 39 20.37 -2.36 1.53
N THR B 40 21.10 -3.41 1.93
CA THR B 40 20.56 -4.72 2.24
C THR B 40 19.38 -4.64 3.22
N PRO B 41 18.22 -5.16 2.86
CA PRO B 41 17.10 -5.22 3.81
C PRO B 41 17.36 -6.21 4.94
N THR B 42 16.93 -5.84 6.14
CA THR B 42 17.01 -6.70 7.31
C THR B 42 15.67 -7.37 7.54
N ARG B 43 15.69 -8.68 7.78
CA ARG B 43 14.46 -9.44 8.00
C ARG B 43 14.55 -10.20 9.32
N GLY B 44 13.39 -10.46 9.92
CA GLY B 44 13.38 -11.25 11.13
C GLY B 44 11.97 -11.61 11.55
N TYR B 45 11.88 -12.36 12.65
CA TYR B 45 10.57 -12.71 13.19
C TYR B 45 10.68 -12.92 14.70
N PHE B 46 9.55 -12.71 15.37
CA PHE B 46 9.43 -12.82 16.83
C PHE B 46 8.12 -13.48 17.19
N GLU B 47 8.16 -14.36 18.18
CA GLU B 47 6.96 -14.98 18.74
C GLU B 47 6.60 -14.34 20.08
N ASN B 48 5.42 -14.71 20.58
CA ASN B 48 4.99 -14.29 21.91
C ASN B 48 5.83 -14.98 22.97
N LYS B 49 6.56 -14.18 23.75
CA LYS B 49 7.32 -14.67 24.89
C LYS B 49 6.72 -14.09 26.17
N LYS B 50 6.95 -14.80 27.27
CA LYS B 50 6.59 -14.23 28.57
C LYS B 50 7.40 -12.99 28.88
N LYS B 51 8.57 -12.83 28.26
CA LYS B 51 9.31 -11.58 28.32
C LYS B 51 8.57 -10.46 27.60
N CYS B 52 8.21 -10.67 26.34
CA CYS B 52 7.58 -9.63 25.54
C CYS B 52 6.65 -10.24 24.51
N HIS B 53 5.60 -9.50 24.17
CA HIS B 53 4.77 -9.82 23.02
C HIS B 53 5.54 -9.53 21.73
N ALA B 54 5.13 -10.19 20.64
CA ALA B 54 5.86 -10.09 19.38
C ALA B 54 6.05 -8.63 18.95
N ALA B 55 5.02 -7.81 19.10
CA ALA B 55 5.14 -6.40 18.72
C ALA B 55 6.15 -5.68 19.61
N ILE B 56 6.17 -6.00 20.91
CA ILE B 56 7.08 -5.32 21.82
C ILE B 56 8.52 -5.75 21.54
N CYS B 57 8.73 -7.04 21.28
CA CYS B 57 10.08 -7.49 20.94
C CYS B 57 10.53 -6.88 19.61
N PHE B 58 9.61 -6.70 18.66
CA PHE B 58 9.95 -6.03 17.41
C PHE B 58 10.35 -4.57 17.64
N ILE B 59 9.58 -3.85 18.46
CA ILE B 59 9.91 -2.47 18.78
C ILE B 59 11.30 -2.39 19.43
N ASN B 60 11.58 -3.29 20.37
CA ASN B 60 12.87 -3.28 21.03
C ASN B 60 14.00 -3.63 20.07
N GLU B 61 13.73 -4.53 19.10
CA GLU B 61 14.75 -4.88 18.12
C GLU B 61 15.10 -3.67 17.24
N ILE B 62 14.07 -2.95 16.79
CA ILE B 62 14.33 -1.77 15.97
C ILE B 62 15.06 -0.71 16.77
N LYS B 63 14.68 -0.52 18.04
CA LYS B 63 15.38 0.43 18.89
C LYS B 63 16.85 0.05 19.07
N SER B 64 17.12 -1.25 19.28
CA SER B 64 18.48 -1.70 19.53
C SER B 64 19.35 -1.74 18.28
N MET B 65 18.74 -1.77 17.09
CA MET B 65 19.54 -1.74 15.86
C MET B 65 20.38 -0.47 15.77
N GLY B 66 19.85 0.65 16.25
CA GLY B 66 20.57 1.90 16.17
C GLY B 66 20.66 2.42 14.74
N LEU B 67 19.51 2.66 14.14
CA LEU B 67 19.44 2.96 12.72
C LEU B 67 20.06 4.32 12.40
N ASP B 68 20.70 4.40 11.24
CA ASP B 68 21.21 5.66 10.71
C ASP B 68 20.02 6.54 10.37
N GLU B 69 19.72 7.51 11.22
CA GLU B 69 18.52 8.32 11.09
C GLU B 69 18.66 9.43 10.05
N THR B 70 19.75 9.47 9.29
CA THR B 70 19.79 10.31 8.09
C THR B 70 19.16 9.62 6.89
N GLN B 71 18.82 8.34 7.00
CA GLN B 71 18.15 7.60 5.94
C GLN B 71 16.66 7.49 6.21
N CYS B 72 15.93 7.07 5.19
CA CYS B 72 14.52 6.73 5.31
C CYS B 72 14.36 5.21 5.17
N TYR B 73 13.33 4.66 5.80
CA TYR B 73 13.14 3.22 5.81
C TYR B 73 11.67 2.89 5.60
N GLN B 74 11.44 1.72 4.99
CA GLN B 74 10.10 1.13 4.86
C GLN B 74 10.09 -0.14 5.69
N VAL B 75 9.16 -0.24 6.64
CA VAL B 75 9.05 -1.42 7.49
C VAL B 75 7.71 -2.08 7.20
N THR B 76 7.74 -3.39 6.95
CA THR B 76 6.53 -4.16 6.73
C THR B 76 6.45 -5.28 7.77
N CYS B 77 5.31 -5.37 8.44
CA CYS B 77 5.10 -6.36 9.50
C CYS B 77 3.90 -7.24 9.15
N TYR B 78 4.15 -8.54 9.02
CA TYR B 78 3.10 -9.54 8.83
C TYR B 78 2.88 -10.24 10.17
N LEU B 79 1.73 -10.02 10.78
CA LEU B 79 1.35 -10.66 12.03
C LEU B 79 0.34 -11.76 11.77
N THR B 80 0.31 -12.74 12.67
CA THR B 80 -0.72 -13.77 12.60
C THR B 80 -2.01 -13.31 13.26
N TRP B 81 -1.90 -12.76 14.47
CA TRP B 81 -3.00 -12.10 15.14
C TRP B 81 -2.76 -10.59 15.17
N SER B 82 -3.84 -9.83 15.05
CA SER B 82 -3.73 -8.38 15.14
C SER B 82 -3.35 -7.98 16.58
N PRO B 83 -2.65 -6.85 16.75
CA PRO B 83 -2.11 -6.53 18.07
C PRO B 83 -3.22 -6.23 19.07
N CYS B 84 -2.90 -6.50 20.35
CA CYS B 84 -3.81 -6.18 21.45
C CYS B 84 -3.76 -4.68 21.74
N SER B 85 -4.54 -4.26 22.74
CA SER B 85 -4.63 -2.84 23.08
C SER B 85 -3.28 -2.27 23.52
N SER B 86 -2.57 -3.01 24.39
CA SER B 86 -1.30 -2.51 24.91
C SER B 86 -0.25 -2.46 23.81
N CYS B 87 -0.15 -3.52 23.01
CA CYS B 87 0.76 -3.50 21.87
C CYS B 87 0.38 -2.42 20.88
N ALA B 88 -0.92 -2.16 20.70
CA ALA B 88 -1.33 -1.10 19.79
C ALA B 88 -0.88 0.27 20.29
N SER B 89 -1.00 0.51 21.60
CA SER B 89 -0.55 1.79 22.15
C SER B 89 0.97 1.94 22.05
N GLU B 90 1.70 0.85 22.32
CA GLU B 90 3.15 0.91 22.20
C GLU B 90 3.57 1.12 20.76
N LEU B 91 2.86 0.51 19.80
CA LEU B 91 3.15 0.73 18.39
C LEU B 91 2.85 2.16 17.98
N VAL B 92 1.77 2.75 18.52
CA VAL B 92 1.46 4.15 18.21
C VAL B 92 2.58 5.06 18.70
N ASP B 93 3.07 4.82 19.92
CA ASP B 93 4.17 5.63 20.43
C ASP B 93 5.44 5.43 19.61
N PHE B 94 5.68 4.19 19.17
CA PHE B 94 6.84 3.90 18.33
C PHE B 94 6.74 4.59 16.98
N ILE B 95 5.54 4.63 16.40
CA ILE B 95 5.33 5.31 15.12
C ILE B 95 5.57 6.80 15.27
N LYS B 96 5.05 7.39 16.35
CA LYS B 96 5.23 8.83 16.55
C LYS B 96 6.69 9.17 16.79
N ALA B 97 7.44 8.30 17.48
CA ALA B 97 8.84 8.58 17.77
C ALA B 97 9.70 8.57 16.50
N HIS B 98 9.40 7.71 15.54
CA HIS B 98 10.25 7.48 14.37
C HIS B 98 9.59 8.03 13.12
N ASP B 99 9.88 9.29 12.81
CA ASP B 99 9.36 9.93 11.60
C ASP B 99 10.18 9.61 10.36
N HIS B 100 11.32 8.92 10.50
CA HIS B 100 12.11 8.45 9.37
C HIS B 100 11.81 7.00 9.03
N LEU B 101 10.68 6.47 9.49
CA LEU B 101 10.37 5.04 9.41
C LEU B 101 8.91 4.90 9.04
N ASN B 102 8.63 4.50 7.79
CA ASN B 102 7.26 4.31 7.33
C ASN B 102 6.82 2.89 7.61
N LEU B 103 5.85 2.73 8.50
CA LEU B 103 5.41 1.41 8.96
C LEU B 103 4.13 0.98 8.25
N ARG B 104 4.09 -0.30 7.84
CA ARG B 104 2.90 -0.93 7.29
C ARG B 104 2.65 -2.21 8.08
N ILE B 105 1.44 -2.37 8.60
CA ILE B 105 1.05 -3.53 9.40
C ILE B 105 -0.02 -4.31 8.65
N PHE B 106 0.23 -5.61 8.47
CA PHE B 106 -0.75 -6.55 7.96
C PHE B 106 -0.96 -7.64 9.00
N ALA B 107 -2.19 -8.16 9.06
CA ALA B 107 -2.52 -9.23 9.99
C ALA B 107 -3.28 -10.33 9.27
N SER B 108 -2.93 -11.58 9.58
CA SER B 108 -3.65 -12.72 9.00
C SER B 108 -5.05 -12.84 9.59
N ARG B 109 -5.13 -12.85 10.92
CA ARG B 109 -6.40 -12.89 11.62
C ARG B 109 -6.50 -11.71 12.57
N LEU B 110 -7.72 -11.28 12.84
CA LEU B 110 -7.94 -10.17 13.76
C LEU B 110 -8.06 -10.64 15.20
N TYR B 111 -9.07 -11.47 15.47
CA TYR B 111 -9.33 -11.99 16.81
C TYR B 111 -10.46 -13.01 16.71
N TYR B 112 -10.56 -13.86 17.73
CA TYR B 112 -11.59 -14.89 17.75
C TYR B 112 -12.95 -14.30 18.08
N HIS B 113 -13.00 -13.38 19.05
CA HIS B 113 -14.20 -12.63 19.36
C HIS B 113 -13.86 -11.16 19.52
N ALA B 114 -14.80 -10.30 19.13
CA ALA B 114 -14.57 -8.86 19.14
C ALA B 114 -14.54 -8.33 20.57
N SER B 115 -13.74 -7.29 20.78
CA SER B 115 -13.59 -6.69 22.10
C SER B 115 -13.39 -5.19 21.95
N LYS B 116 -13.90 -4.45 22.95
CA LYS B 116 -13.77 -2.99 22.91
C LYS B 116 -12.32 -2.53 23.00
N PRO B 117 -11.49 -3.05 23.91
CA PRO B 117 -10.09 -2.57 23.94
C PRO B 117 -9.31 -2.84 22.67
N GLN B 118 -9.47 -4.02 22.06
CA GLN B 118 -8.72 -4.33 20.85
C GLN B 118 -9.22 -3.54 19.66
N GLN B 119 -10.54 -3.37 19.54
CA GLN B 119 -11.08 -2.55 18.46
C GLN B 119 -10.63 -1.10 18.60
N ASP B 120 -10.59 -0.59 19.83
CA ASP B 120 -10.13 0.79 20.03
C ASP B 120 -8.63 0.92 19.76
N GLY B 121 -7.84 -0.10 20.09
CA GLY B 121 -6.43 -0.08 19.72
C GLY B 121 -6.23 -0.06 18.22
N LEU B 122 -7.01 -0.88 17.49
CA LEU B 122 -6.91 -0.86 16.04
C LEU B 122 -7.35 0.48 15.46
N ARG B 123 -8.37 1.10 16.08
CA ARG B 123 -8.79 2.41 15.62
C ARG B 123 -7.73 3.48 15.91
N LEU B 124 -7.01 3.35 17.02
CA LEU B 124 -5.92 4.28 17.33
C LEU B 124 -4.79 4.14 16.31
N LEU B 125 -4.41 2.89 16.01
CA LEU B 125 -3.38 2.67 14.99
C LEU B 125 -3.84 3.20 13.63
N SER B 126 -5.12 3.05 13.31
CA SER B 126 -5.63 3.56 12.04
C SER B 126 -5.57 5.08 12.00
N GLN B 127 -5.93 5.75 13.09
CA GLN B 127 -5.89 7.20 13.12
C GLN B 127 -4.46 7.73 13.08
N GLU B 128 -3.50 6.96 13.60
CA GLU B 128 -2.12 7.42 13.55
C GLU B 128 -1.52 7.35 12.14
N GLY B 129 -2.17 6.66 11.22
CA GLY B 129 -1.70 6.54 9.85
C GLY B 129 -1.19 5.17 9.47
N VAL B 130 -1.23 4.20 10.38
CA VAL B 130 -0.82 2.84 10.09
C VAL B 130 -1.97 1.90 10.42
N PRO B 131 -2.98 1.81 9.56
CA PRO B 131 -4.09 0.89 9.85
C PRO B 131 -3.66 -0.56 9.67
N VAL B 132 -4.19 -1.42 10.53
CA VAL B 132 -3.87 -2.85 10.50
C VAL B 132 -4.70 -3.48 9.38
N GLU B 133 -4.09 -3.63 8.21
CA GLU B 133 -4.77 -4.25 7.09
C GLU B 133 -4.75 -5.78 7.22
N VAL B 134 -5.67 -6.42 6.51
CA VAL B 134 -5.76 -7.88 6.47
C VAL B 134 -4.87 -8.42 5.36
N MET B 135 -4.15 -9.49 5.65
CA MET B 135 -3.27 -10.10 4.66
C MET B 135 -4.07 -10.75 3.54
N GLY B 136 -3.75 -10.38 2.31
CA GLY B 136 -4.27 -11.04 1.14
C GLY B 136 -3.22 -11.91 0.46
N PHE B 137 -3.55 -12.34 -0.75
CA PHE B 137 -2.60 -13.17 -1.50
C PHE B 137 -1.23 -12.51 -1.68
N PRO B 138 -1.11 -11.22 -2.01
CA PRO B 138 0.24 -10.66 -2.14
C PRO B 138 1.03 -10.70 -0.85
N GLU B 139 0.39 -10.46 0.29
CA GLU B 139 1.10 -10.43 1.56
C GLU B 139 1.48 -11.84 2.01
N PHE B 140 0.56 -12.79 1.88
CA PHE B 140 0.89 -14.19 2.18
C PHE B 140 2.00 -14.69 1.27
N ALA B 141 1.96 -14.32 -0.01
CA ALA B 141 2.99 -14.77 -0.95
C ALA B 141 4.35 -14.16 -0.63
N ASP B 142 4.38 -12.87 -0.28
CA ASP B 142 5.65 -12.23 0.07
C ASP B 142 6.24 -12.82 1.34
N CYS B 143 5.39 -13.05 2.35
CA CYS B 143 5.86 -13.63 3.61
C CYS B 143 6.33 -15.07 3.41
N TRP B 144 5.63 -15.83 2.57
CA TRP B 144 6.09 -17.18 2.23
C TRP B 144 7.42 -17.14 1.51
N GLU B 145 7.58 -16.21 0.56
CA GLU B 145 8.79 -16.15 -0.25
C GLU B 145 10.00 -15.81 0.59
N ASN B 146 9.88 -14.82 1.48
CA ASN B 146 11.07 -14.26 2.12
C ASN B 146 11.40 -14.85 3.48
N PHE B 147 10.44 -15.47 4.17
CA PHE B 147 10.68 -15.93 5.53
C PHE B 147 10.72 -17.45 5.71
N VAL B 148 10.29 -18.23 4.72
CA VAL B 148 10.27 -19.68 4.85
C VAL B 148 11.51 -20.26 4.19
N ASP B 149 12.00 -21.38 4.74
CA ASP B 149 13.14 -22.09 4.16
C ASP B 149 12.69 -22.91 2.96
N HIS B 150 13.32 -22.67 1.81
CA HIS B 150 12.97 -23.36 0.57
C HIS B 150 14.08 -24.26 0.06
N GLU B 151 15.16 -24.43 0.83
CA GLU B 151 16.20 -25.39 0.43
C GLU B 151 15.64 -26.81 0.41
N LYS B 152 14.84 -27.17 1.41
CA LYS B 152 14.18 -28.46 1.53
C LYS B 152 12.73 -28.36 1.06
N PRO B 153 12.26 -29.37 0.34
CA PRO B 153 10.87 -29.36 -0.16
C PRO B 153 9.86 -29.28 0.96
N ALA B 154 8.69 -28.75 0.62
CA ALA B 154 7.57 -28.72 1.56
C ALA B 154 6.80 -30.04 1.53
N SER B 155 6.18 -30.37 2.66
CA SER B 155 5.36 -31.57 2.76
C SER B 155 3.97 -31.39 2.18
N PHE B 156 3.62 -30.18 1.73
CA PHE B 156 2.32 -29.89 1.17
C PHE B 156 2.49 -29.12 -0.13
N ASN B 157 1.37 -28.89 -0.82
CA ASN B 157 1.38 -28.09 -2.03
C ASN B 157 1.23 -26.62 -1.66
N PRO B 158 2.24 -25.78 -1.87
CA PRO B 158 2.15 -24.37 -1.43
C PRO B 158 1.08 -23.58 -2.16
N TYR B 159 0.81 -23.88 -3.43
CA TYR B 159 -0.16 -23.08 -4.18
C TYR B 159 -1.56 -23.26 -3.63
N LYS B 160 -1.92 -24.48 -3.24
CA LYS B 160 -3.23 -24.71 -2.63
C LYS B 160 -3.35 -23.98 -1.30
N MET B 161 -2.25 -23.91 -0.54
CA MET B 161 -2.26 -23.17 0.72
C MET B 161 -2.48 -21.68 0.48
N LEU B 162 -1.75 -21.10 -0.47
CA LEU B 162 -1.92 -19.68 -0.76
C LEU B 162 -3.31 -19.40 -1.28
N GLU B 163 -3.89 -20.31 -2.06
CA GLU B 163 -5.26 -20.14 -2.52
C GLU B 163 -6.24 -20.19 -1.36
N GLU B 164 -6.04 -21.11 -0.41
CA GLU B 164 -6.92 -21.21 0.74
C GLU B 164 -6.84 -19.96 1.60
N LEU B 165 -5.62 -19.44 1.82
CA LEU B 165 -5.45 -18.24 2.63
C LEU B 165 -6.12 -17.04 1.95
N ASP B 166 -5.94 -16.89 0.64
CA ASP B 166 -6.57 -15.79 -0.08
C ASP B 166 -8.09 -15.92 -0.02
N LYS B 167 -8.61 -17.14 -0.15
CA LYS B 167 -10.05 -17.35 -0.07
C LYS B 167 -10.59 -16.94 1.29
N ASN B 168 -9.90 -17.35 2.36
CA ASN B 168 -10.39 -17.05 3.70
C ASN B 168 -10.24 -15.57 4.05
N SER B 169 -9.28 -14.86 3.45
CA SER B 169 -9.09 -13.46 3.78
C SER B 169 -10.22 -12.55 3.29
N ARG B 170 -10.98 -12.99 2.28
CA ARG B 170 -12.00 -12.14 1.67
C ARG B 170 -13.08 -11.74 2.67
N ALA B 171 -13.52 -12.67 3.52
CA ALA B 171 -14.53 -12.34 4.53
C ALA B 171 -13.93 -11.55 5.70
N ILE B 172 -12.69 -11.86 6.06
CA ILE B 172 -12.06 -11.16 7.17
C ILE B 172 -11.85 -9.70 6.80
N LYS B 173 -11.65 -9.40 5.51
CA LYS B 173 -11.57 -8.01 5.09
C LYS B 173 -12.88 -7.28 5.30
N ARG B 174 -14.00 -7.96 5.06
CA ARG B 174 -15.31 -7.33 5.31
C ARG B 174 -15.52 -7.11 6.81
N ARG B 175 -15.08 -8.06 7.63
CA ARG B 175 -15.17 -7.87 9.07
C ARG B 175 -14.32 -6.70 9.54
N LEU B 176 -13.15 -6.51 8.93
CA LEU B 176 -12.32 -5.36 9.29
C LEU B 176 -12.95 -4.05 8.83
N ASP B 177 -13.48 -4.03 7.60
CA ASP B 177 -14.04 -2.79 7.05
C ASP B 177 -15.30 -2.36 7.77
N ARG B 178 -16.07 -3.31 8.33
CA ARG B 178 -17.28 -2.93 9.05
C ARG B 178 -16.97 -2.05 10.26
N ILE B 179 -15.77 -2.18 10.84
CA ILE B 179 -15.40 -1.40 12.03
C ILE B 179 -14.78 -0.06 11.65
N LYS B 180 -13.85 -0.07 10.70
CA LYS B 180 -13.05 1.12 10.39
C LYS B 180 -13.93 2.31 10.00
N SER B 181 -13.76 3.42 10.72
CA SER B 181 -14.46 4.65 10.41
C SER B 181 -13.78 5.83 11.10
#